data_8RW0
#
_entry.id   8RW0
#
_cell.length_a   39.333
_cell.length_b   179.345
_cell.length_c   139.860
_cell.angle_alpha   90.00
_cell.angle_beta   90.00
_cell.angle_gamma   90.00
#
_symmetry.space_group_name_H-M   'C 2 2 21'
#
loop_
_entity.id
_entity.type
_entity.pdbx_description
1 polymer 'Adenosine receptor A2a,Soluble cytochrome b562'
2 non-polymer 8-[(~{E})-2-(3,4-dimethoxyphenyl)ethenyl]-1,3-diethyl-7-methyl-purine-2,6-dione
3 non-polymer CHOLESTEROL
4 non-polymer 'OLEIC ACID'
5 non-polymer 'SODIUM ION'
6 water water
#
_entity_poly.entity_id   1
_entity_poly.type   'polypeptide(L)'
_entity_poly.pdbx_seq_one_letter_code
;MKTIIALSYIFCLVFADYKDDDDGAPPIMGSSVYITVELAIAVLAILGNVLVCWAVWLNSNLQNVTNYFVVSLAAADILV
GVLAIPFAITISTGFCAACHGCLFIACFVLVLAQSSIFSLLAIAIDRYIAIAIPLRYNGLVTGTRAAGIIAICWVLSFAI
GLTPMLGWNNCGQPKEGKAHSQGCGEGQVACLFEDVVPMNYMVYFNFFACVLVPLLLMLGVYLRIFAAARRQLADLEDNW
ETLNDNLKVIEKADNAAQVKDALTKMRAAALDAQKATPPKLEDKSPDSPEMKDFRHGFDILVGQIDDALKLANEGKVKEA
QAAAEQLKTTRNAYIQKYLERARSTLQKEVHAAKSAAIIAGLFALCWLPLHIINCFTFFCPDCSHAPLWLMYLAIVLSHT
NSVVNPFIYAYRIREFRQTFRKIIRSHVLRQQEPFKAAAHHHHHHHHHH
;
_entity_poly.pdbx_strand_id   A
#
loop_
_chem_comp.id
_chem_comp.type
_chem_comp.name
_chem_comp.formula
CLR non-polymer CHOLESTEROL 'C27 H46 O'
JQ9 non-polymer 8-[(~{E})-2-(3,4-dimethoxyphenyl)ethenyl]-1,3-diethyl-7-methyl-purine-2,6-dione 'C20 H24 N4 O4'
NA non-polymer 'SODIUM ION' 'Na 1'
OLA non-polymer 'OLEIC ACID' 'C18 H34 O2'
#
# COMPACT_ATOMS: atom_id res chain seq x y z
N ALA A 25 -2.40 32.98 28.42
CA ALA A 25 -0.98 33.11 28.12
C ALA A 25 -0.72 33.65 26.71
N PRO A 26 0.36 34.42 26.54
CA PRO A 26 0.65 35.00 25.21
C PRO A 26 0.63 33.93 24.12
N PRO A 27 -0.09 34.18 23.03
CA PRO A 27 -0.23 33.13 22.01
C PRO A 27 1.10 32.71 21.42
N ILE A 28 2.09 33.61 21.41
CA ILE A 28 3.36 33.28 20.79
C ILE A 28 4.05 32.15 21.55
N MET A 29 3.67 31.86 22.80
CA MET A 29 4.36 30.79 23.51
C MET A 29 3.89 29.41 23.03
N GLY A 30 2.58 29.12 23.10
CA GLY A 30 2.09 27.87 22.53
C GLY A 30 2.32 27.79 21.03
N SER A 31 2.27 28.94 20.34
CA SER A 31 2.65 28.95 18.94
C SER A 31 4.09 28.48 18.76
N SER A 32 5.01 28.94 19.62
CA SER A 32 6.43 28.59 19.49
C SER A 32 6.62 27.08 19.57
N VAL A 33 5.91 26.42 20.50
CA VAL A 33 6.00 24.98 20.66
C VAL A 33 5.47 24.28 19.41
N TYR A 34 4.28 24.68 18.95
CA TYR A 34 3.70 24.09 17.74
C TYR A 34 4.65 24.24 16.55
N ILE A 35 5.17 25.45 16.34
CA ILE A 35 6.01 25.73 15.19
C ILE A 35 7.31 24.94 15.27
N THR A 36 7.92 24.87 16.46
CA THR A 36 9.18 24.13 16.60
C THR A 36 8.97 22.67 16.29
N VAL A 37 7.86 22.08 16.79
CA VAL A 37 7.55 20.69 16.50
C VAL A 37 7.32 20.50 15.01
N GLU A 38 6.58 21.42 14.37
CA GLU A 38 6.34 21.30 12.93
C GLU A 38 7.66 21.33 12.18
N LEU A 39 8.56 22.25 12.56
CA LEU A 39 9.85 22.31 11.86
C LEU A 39 10.67 21.05 12.04
N ALA A 40 10.68 20.47 13.26
CA ALA A 40 11.37 19.20 13.48
C ALA A 40 10.81 18.09 12.60
N ILE A 41 9.49 18.03 12.47
CA ILE A 41 8.86 17.01 11.63
C ILE A 41 9.24 17.23 10.17
N ALA A 42 9.25 18.50 9.75
CA ALA A 42 9.58 18.82 8.37
C ALA A 42 11.00 18.35 8.02
N VAL A 43 11.96 18.60 8.92
CA VAL A 43 13.34 18.14 8.70
C VAL A 43 13.37 16.64 8.50
N LEU A 44 12.71 15.91 9.40
CA LEU A 44 12.76 14.44 9.35
C LEU A 44 12.02 13.90 8.13
N ALA A 45 10.92 14.54 7.74
CA ALA A 45 10.19 14.08 6.55
C ALA A 45 11.04 14.23 5.29
N ILE A 46 11.75 15.35 5.17
CA ILE A 46 12.60 15.57 4.02
C ILE A 46 13.75 14.56 4.01
N LEU A 47 14.45 14.43 5.14
CA LEU A 47 15.62 13.56 5.16
C LEU A 47 15.27 12.10 4.87
N GLY A 48 14.23 11.57 5.52
CA GLY A 48 13.93 10.17 5.35
C GLY A 48 13.45 9.84 3.95
N ASN A 49 12.62 10.72 3.39
CA ASN A 49 12.05 10.40 2.09
C ASN A 49 12.98 10.73 0.93
N VAL A 50 13.88 11.71 1.09
CA VAL A 50 15.00 11.83 0.17
C VAL A 50 15.82 10.55 0.16
N LEU A 51 16.04 9.96 1.33
CA LEU A 51 16.77 8.71 1.40
C LEU A 51 16.07 7.58 0.66
N VAL A 52 14.74 7.51 0.77
CA VAL A 52 13.96 6.53 0.02
C VAL A 52 14.19 6.71 -1.48
N CYS A 53 14.03 7.95 -1.97
CA CYS A 53 14.17 8.23 -3.39
C CYS A 53 15.59 7.95 -3.88
N TRP A 54 16.61 8.33 -3.09
CA TRP A 54 17.98 8.02 -3.48
CA TRP A 54 17.98 8.02 -3.46
C TRP A 54 18.21 6.51 -3.55
N ALA A 55 17.62 5.74 -2.64
CA ALA A 55 17.81 4.29 -2.66
C ALA A 55 17.26 3.68 -3.94
N VAL A 56 16.05 4.07 -4.32
CA VAL A 56 15.44 3.52 -5.54
C VAL A 56 16.24 3.93 -6.76
N TRP A 57 16.66 5.20 -6.83
CA TRP A 57 17.46 5.66 -7.96
C TRP A 57 18.77 4.86 -8.08
N LEU A 58 19.40 4.54 -6.95
CA LEU A 58 20.73 3.93 -6.96
C LEU A 58 20.70 2.42 -7.14
N ASN A 59 19.69 1.72 -6.62
CA ASN A 59 19.68 0.27 -6.55
C ASN A 59 18.70 -0.34 -7.55
N SER A 60 19.22 -1.11 -8.52
CA SER A 60 18.37 -1.67 -9.58
C SER A 60 17.44 -2.74 -9.05
N ASN A 61 17.82 -3.42 -7.97
CA ASN A 61 16.93 -4.36 -7.32
C ASN A 61 15.70 -3.67 -6.74
N LEU A 62 15.73 -2.35 -6.58
CA LEU A 62 14.60 -1.59 -6.08
C LEU A 62 13.80 -0.91 -7.17
N GLN A 63 14.21 -1.05 -8.42
CA GLN A 63 13.54 -0.36 -9.53
C GLN A 63 12.53 -1.32 -10.13
N ASN A 64 11.31 -1.27 -9.58
CA ASN A 64 10.17 -2.05 -10.06
C ASN A 64 8.94 -1.15 -9.95
N VAL A 65 7.83 -1.60 -10.54
CA VAL A 65 6.63 -0.77 -10.60
C VAL A 65 6.13 -0.42 -9.20
N THR A 66 6.12 -1.41 -8.30
CA THR A 66 5.67 -1.14 -6.94
C THR A 66 6.42 0.05 -6.36
N ASN A 67 7.73 0.09 -6.57
CA ASN A 67 8.52 1.16 -5.98
C ASN A 67 8.41 2.48 -6.72
N TYR A 68 7.89 2.50 -7.96
CA TYR A 68 7.61 3.81 -8.52
C TYR A 68 6.50 4.51 -7.75
N PHE A 69 5.51 3.75 -7.28
CA PHE A 69 4.48 4.32 -6.40
C PHE A 69 5.04 4.66 -5.02
N VAL A 70 5.98 3.87 -4.51
CA VAL A 70 6.69 4.22 -3.27
C VAL A 70 7.40 5.55 -3.40
N VAL A 71 8.02 5.80 -4.57
CA VAL A 71 8.71 7.07 -4.82
C VAL A 71 7.71 8.22 -4.95
N SER A 72 6.60 7.99 -5.64
CA SER A 72 5.54 9.02 -5.70
C SER A 72 5.08 9.42 -4.30
N LEU A 73 4.93 8.41 -3.42
CA LEU A 73 4.52 8.64 -2.04
C LEU A 73 5.60 9.38 -1.26
N ALA A 74 6.86 9.03 -1.48
CA ALA A 74 7.95 9.77 -0.83
C ALA A 74 8.04 11.21 -1.33
N ALA A 75 7.76 11.44 -2.61
CA ALA A 75 7.75 12.81 -3.12
C ALA A 75 6.65 13.64 -2.46
N ALA A 76 5.46 13.05 -2.28
CA ALA A 76 4.41 13.75 -1.58
C ALA A 76 4.85 14.11 -0.16
N ASP A 77 5.57 13.19 0.51
CA ASP A 77 6.01 13.45 1.88
C ASP A 77 7.15 14.48 1.92
N ILE A 78 8.04 14.48 0.91
CA ILE A 78 9.04 15.55 0.81
C ILE A 78 8.35 16.91 0.69
N LEU A 79 7.28 16.99 -0.11
CA LEU A 79 6.56 18.25 -0.25
C LEU A 79 5.75 18.62 0.99
N VAL A 80 5.37 17.65 1.83
CA VAL A 80 4.81 18.01 3.14
C VAL A 80 5.84 18.78 3.94
N GLY A 81 7.09 18.35 3.89
CA GLY A 81 8.11 19.05 4.64
C GLY A 81 8.47 20.40 4.06
N VAL A 82 8.59 20.48 2.73
CA VAL A 82 9.05 21.69 2.07
C VAL A 82 7.94 22.73 1.97
N LEU A 83 6.70 22.31 1.73
CA LEU A 83 5.60 23.24 1.47
C LEU A 83 4.43 23.15 2.45
N ALA A 84 3.88 21.96 2.71
CA ALA A 84 2.65 21.91 3.52
C ALA A 84 2.94 22.34 4.96
N ILE A 85 4.10 22.00 5.49
CA ILE A 85 4.34 22.40 6.88
C ILE A 85 4.64 23.90 6.96
N PRO A 86 5.48 24.50 6.11
CA PRO A 86 5.53 25.97 6.11
C PRO A 86 4.16 26.61 5.90
N PHE A 87 3.32 26.01 5.04
CA PHE A 87 1.99 26.57 4.86
C PHE A 87 1.17 26.43 6.13
N ALA A 88 1.27 25.29 6.83
CA ALA A 88 0.51 25.12 8.08
C ALA A 88 0.96 26.11 9.15
N ILE A 89 2.27 26.33 9.28
CA ILE A 89 2.77 27.34 10.20
C ILE A 89 2.18 28.71 9.84
N THR A 90 2.21 29.06 8.56
CA THR A 90 1.68 30.36 8.15
C THR A 90 0.21 30.53 8.52
N ILE A 91 -0.61 29.51 8.25
CA ILE A 91 -2.06 29.64 8.45
C ILE A 91 -2.44 29.57 9.92
N SER A 92 -1.56 29.08 10.79
CA SER A 92 -1.84 29.15 12.22
C SER A 92 -1.74 30.58 12.75
N THR A 93 -1.10 31.51 12.03
CA THR A 93 -0.96 32.86 12.56
C THR A 93 -2.18 33.73 12.29
N GLY A 94 -3.08 33.33 11.40
CA GLY A 94 -4.20 34.19 11.08
C GLY A 94 -3.85 35.48 10.35
N PHE A 95 -2.72 35.51 9.66
CA PHE A 95 -2.24 36.73 9.00
C PHE A 95 -3.23 37.22 7.92
N CYS A 96 -3.19 38.53 7.65
CA CYS A 96 -4.08 39.11 6.65
C CYS A 96 -3.68 38.66 5.25
N ALA A 97 -4.64 38.19 4.45
CA ALA A 97 -4.36 37.66 3.13
C ALA A 97 -5.60 37.79 2.26
N ALA A 98 -5.39 37.97 0.96
CA ALA A 98 -6.46 37.76 -0.01
C ALA A 98 -7.06 36.37 0.14
N CYS A 99 -8.40 36.27 0.13
CA CYS A 99 -9.03 35.02 0.56
C CYS A 99 -8.62 33.84 -0.32
N HIS A 100 -8.48 34.03 -1.63
CA HIS A 100 -8.13 32.90 -2.49
C HIS A 100 -6.66 32.48 -2.38
N GLY A 101 -5.75 33.41 -2.08
CA GLY A 101 -4.40 33.00 -1.73
C GLY A 101 -4.37 32.21 -0.43
N CYS A 102 -5.13 32.66 0.56
CA CYS A 102 -5.28 31.91 1.81
C CYS A 102 -5.82 30.51 1.52
N LEU A 103 -6.80 30.41 0.63
N LEU A 103 -6.83 30.41 0.66
CA LEU A 103 -7.36 29.12 0.25
CA LEU A 103 -7.36 29.11 0.26
C LEU A 103 -6.29 28.19 -0.30
C LEU A 103 -6.27 28.19 -0.27
N PHE A 104 -5.40 28.70 -1.16
CA PHE A 104 -4.37 27.85 -1.72
C PHE A 104 -3.45 27.32 -0.62
N ILE A 105 -2.99 28.18 0.29
CA ILE A 105 -2.10 27.62 1.30
C ILE A 105 -2.87 26.72 2.26
N ALA A 106 -4.18 26.91 2.42
CA ALA A 106 -4.94 25.97 3.23
C ALA A 106 -5.08 24.61 2.54
N CYS A 107 -5.26 24.60 1.22
CA CYS A 107 -5.67 23.37 0.54
C CYS A 107 -4.54 22.55 -0.06
N PHE A 108 -3.35 23.12 -0.20
CA PHE A 108 -2.29 22.38 -0.89
C PHE A 108 -2.02 21.04 -0.22
N VAL A 109 -2.09 20.99 1.13
CA VAL A 109 -1.82 19.73 1.82
C VAL A 109 -2.83 18.65 1.43
N LEU A 110 -4.05 19.05 1.07
CA LEU A 110 -5.07 18.10 0.61
C LEU A 110 -4.69 17.45 -0.70
N VAL A 111 -3.97 18.20 -1.55
CA VAL A 111 -3.43 17.61 -2.77
C VAL A 111 -2.44 16.50 -2.44
N LEU A 112 -1.54 16.77 -1.49
CA LEU A 112 -0.52 15.80 -1.16
C LEU A 112 -1.14 14.56 -0.51
N ALA A 113 -2.11 14.75 0.40
CA ALA A 113 -2.79 13.62 1.01
C ALA A 113 -3.52 12.80 -0.03
N GLN A 114 -4.14 13.48 -1.00
CA GLN A 114 -4.89 12.75 -2.01
C GLN A 114 -3.93 11.94 -2.87
N SER A 115 -2.79 12.56 -3.24
CA SER A 115 -1.78 11.81 -3.99
C SER A 115 -1.30 10.58 -3.21
N SER A 116 -1.10 10.75 -1.89
CA SER A 116 -0.68 9.63 -1.05
C SER A 116 -1.73 8.52 -1.10
N ILE A 117 -3.01 8.90 -1.00
CA ILE A 117 -4.10 7.92 -1.08
CA ILE A 117 -4.08 7.91 -1.07
C ILE A 117 -4.04 7.16 -2.39
N PHE A 118 -3.86 7.86 -3.50
CA PHE A 118 -3.80 7.18 -4.81
C PHE A 118 -2.59 6.26 -4.88
N SER A 119 -1.43 6.71 -4.37
CA SER A 119 -0.26 5.84 -4.39
C SER A 119 -0.48 4.60 -3.53
N LEU A 120 -1.08 4.78 -2.34
CA LEU A 120 -1.32 3.63 -1.47
C LEU A 120 -2.27 2.65 -2.11
N LEU A 121 -3.32 3.16 -2.77
CA LEU A 121 -4.27 2.30 -3.46
C LEU A 121 -3.59 1.57 -4.61
N ALA A 122 -2.73 2.27 -5.36
CA ALA A 122 -2.02 1.62 -6.46
C ALA A 122 -1.14 0.47 -5.95
N ILE A 123 -0.43 0.71 -4.85
CA ILE A 123 0.43 -0.34 -4.29
C ILE A 123 -0.38 -1.57 -3.90
N ALA A 124 -1.55 -1.36 -3.29
CA ALA A 124 -2.39 -2.49 -2.91
C ALA A 124 -2.82 -3.26 -4.14
N ILE A 125 -3.26 -2.54 -5.18
CA ILE A 125 -3.74 -3.19 -6.38
C ILE A 125 -2.59 -3.92 -7.08
N ASP A 126 -1.41 -3.30 -7.11
CA ASP A 126 -0.25 -3.93 -7.71
C ASP A 126 0.07 -5.27 -7.04
N ARG A 127 0.06 -5.31 -5.70
CA ARG A 127 0.34 -6.57 -5.00
C ARG A 127 -0.76 -7.58 -5.21
N TYR A 128 -2.01 -7.13 -5.38
CA TYR A 128 -3.07 -8.08 -5.68
C TYR A 128 -2.88 -8.70 -7.07
N ILE A 129 -2.55 -7.89 -8.08
CA ILE A 129 -2.29 -8.47 -9.39
C ILE A 129 -1.13 -9.46 -9.33
N ALA A 130 -0.09 -9.14 -8.58
CA ALA A 130 1.06 -10.01 -8.49
C ALA A 130 0.70 -11.35 -7.84
N ILE A 131 -0.21 -11.34 -6.85
CA ILE A 131 -0.55 -12.61 -6.18
C ILE A 131 -1.64 -13.37 -6.94
N ALA A 132 -2.49 -12.68 -7.70
CA ALA A 132 -3.65 -13.34 -8.27
C ALA A 132 -3.37 -13.80 -9.70
N ILE A 133 -2.59 -13.05 -10.47
CA ILE A 133 -2.22 -13.48 -11.81
C ILE A 133 -0.74 -13.26 -12.04
N PRO A 134 0.16 -13.96 -11.33
CA PRO A 134 1.60 -13.69 -11.54
C PRO A 134 2.08 -13.96 -12.96
N LEU A 135 1.36 -14.81 -13.71
CA LEU A 135 1.80 -15.15 -15.06
C LEU A 135 1.60 -13.99 -16.02
N ARG A 136 0.66 -13.09 -15.71
CA ARG A 136 0.39 -11.97 -16.61
C ARG A 136 0.75 -10.64 -15.97
N TYR A 137 1.33 -10.64 -14.76
CA TYR A 137 1.71 -9.40 -14.10
C TYR A 137 2.68 -8.60 -14.98
N ASN A 138 3.80 -9.20 -15.38
CA ASN A 138 4.83 -8.44 -16.07
C ASN A 138 4.33 -7.85 -17.40
N GLY A 139 3.42 -8.53 -18.07
CA GLY A 139 2.85 -7.96 -19.27
C GLY A 139 1.78 -6.93 -19.01
N LEU A 140 1.10 -6.98 -17.85
CA LEU A 140 0.03 -6.03 -17.58
C LEU A 140 0.55 -4.76 -16.92
N VAL A 141 1.47 -4.90 -15.96
CA VAL A 141 1.91 -3.81 -15.09
C VAL A 141 3.35 -3.49 -15.50
N THR A 142 3.52 -2.43 -16.28
CA THR A 142 4.79 -2.02 -16.85
C THR A 142 5.19 -0.66 -16.30
N GLY A 143 6.48 -0.34 -16.40
CA GLY A 143 6.93 0.94 -15.90
C GLY A 143 6.30 2.13 -16.61
N THR A 144 6.14 2.06 -17.93
CA THR A 144 5.54 3.19 -18.65
C THR A 144 4.08 3.36 -18.27
N ARG A 145 3.34 2.26 -18.07
CA ARG A 145 1.96 2.42 -17.64
C ARG A 145 1.90 2.94 -16.20
N ALA A 146 2.80 2.48 -15.33
CA ALA A 146 2.86 3.01 -13.98
C ALA A 146 3.14 4.52 -13.98
N ALA A 147 4.08 4.97 -14.82
CA ALA A 147 4.42 6.40 -14.83
C ALA A 147 3.24 7.23 -15.32
N GLY A 148 2.48 6.70 -16.29
CA GLY A 148 1.27 7.37 -16.73
C GLY A 148 0.20 7.43 -15.65
N ILE A 149 0.00 6.33 -14.93
CA ILE A 149 -0.96 6.30 -13.83
C ILE A 149 -0.56 7.32 -12.78
N ILE A 150 0.74 7.38 -12.45
CA ILE A 150 1.21 8.35 -11.45
C ILE A 150 0.92 9.79 -11.88
N ALA A 151 1.17 10.11 -13.16
CA ALA A 151 0.89 11.45 -13.67
C ALA A 151 -0.59 11.78 -13.55
N ILE A 152 -1.45 10.84 -13.95
CA ILE A 152 -2.90 11.03 -13.88
C ILE A 152 -3.33 11.25 -12.43
N CYS A 153 -2.78 10.45 -11.51
CA CYS A 153 -3.18 10.57 -10.12
C CYS A 153 -2.77 11.91 -9.52
N TRP A 154 -1.61 12.43 -9.92
CA TRP A 154 -1.21 13.75 -9.45
C TRP A 154 -2.13 14.84 -9.99
N VAL A 155 -2.55 14.74 -11.25
CA VAL A 155 -3.51 15.70 -11.79
C VAL A 155 -4.82 15.64 -11.02
N LEU A 156 -5.35 14.43 -10.83
CA LEU A 156 -6.60 14.26 -10.08
C LEU A 156 -6.45 14.74 -8.63
N SER A 157 -5.26 14.57 -8.06
CA SER A 157 -5.03 15.04 -6.70
C SER A 157 -5.11 16.56 -6.60
N PHE A 158 -4.55 17.28 -7.59
CA PHE A 158 -4.70 18.74 -7.62
C PHE A 158 -6.18 19.12 -7.77
N ALA A 159 -6.92 18.41 -8.64
CA ALA A 159 -8.32 18.75 -8.84
C ALA A 159 -9.15 18.53 -7.58
N ILE A 160 -8.93 17.41 -6.90
CA ILE A 160 -9.66 17.10 -5.67
C ILE A 160 -9.26 18.06 -4.55
N GLY A 161 -7.95 18.21 -4.34
CA GLY A 161 -7.49 19.00 -3.21
C GLY A 161 -7.73 20.49 -3.36
N LEU A 162 -7.75 21.00 -4.60
CA LEU A 162 -8.00 22.41 -4.81
C LEU A 162 -9.43 22.69 -5.24
N THR A 163 -10.32 21.72 -5.15
CA THR A 163 -11.74 21.97 -5.44
C THR A 163 -12.30 23.19 -4.72
N PRO A 164 -11.94 23.51 -3.46
CA PRO A 164 -12.43 24.77 -2.87
C PRO A 164 -12.06 26.00 -3.68
N MET A 165 -10.94 25.99 -4.41
CA MET A 165 -10.57 27.14 -5.24
CA MET A 165 -10.60 27.16 -5.21
C MET A 165 -11.48 27.32 -6.42
N LEU A 166 -12.23 26.27 -6.80
CA LEU A 166 -13.20 26.40 -7.88
C LEU A 166 -14.51 27.00 -7.41
N GLY A 167 -14.63 27.33 -6.11
CA GLY A 167 -15.78 28.07 -5.66
C GLY A 167 -16.46 27.49 -4.42
N TRP A 168 -16.09 26.28 -4.03
CA TRP A 168 -16.65 25.67 -2.82
C TRP A 168 -15.81 26.15 -1.66
N ASN A 169 -16.06 27.39 -1.25
CA ASN A 169 -15.23 28.01 -0.24
C ASN A 169 -16.05 29.06 0.49
N ASN A 170 -15.49 29.60 1.57
CA ASN A 170 -16.20 30.63 2.33
C ASN A 170 -15.72 32.03 2.01
N CYS A 171 -15.10 32.26 0.85
CA CYS A 171 -14.60 33.59 0.53
C CYS A 171 -15.74 34.57 0.27
N GLY A 172 -16.89 34.06 -0.16
CA GLY A 172 -18.07 34.89 -0.33
C GLY A 172 -18.63 35.42 0.97
N GLN A 173 -18.30 34.81 2.10
CA GLN A 173 -18.81 35.24 3.40
C GLN A 173 -17.67 35.50 4.38
N PRO A 174 -16.82 36.50 4.10
CA PRO A 174 -15.67 36.73 4.97
C PRO A 174 -16.11 37.15 6.37
N LYS A 175 -15.32 36.77 7.37
CA LYS A 175 -15.52 37.30 8.71
C LYS A 175 -14.92 38.70 8.81
N GLU A 176 -15.73 39.71 8.53
CA GLU A 176 -15.24 41.09 8.47
C GLU A 176 -14.85 41.63 9.84
N GLY A 177 -15.54 41.21 10.90
CA GLY A 177 -15.15 41.71 12.21
C GLY A 177 -13.77 41.23 12.61
N LYS A 178 -13.44 39.98 12.29
CA LYS A 178 -12.11 39.48 12.56
C LYS A 178 -11.06 40.16 11.67
N ALA A 179 -11.39 40.38 10.40
CA ALA A 179 -10.47 41.09 9.52
C ALA A 179 -10.22 42.52 9.99
N HIS A 180 -11.27 43.24 10.39
CA HIS A 180 -11.09 44.60 10.86
C HIS A 180 -10.30 44.65 12.16
N SER A 181 -10.52 43.68 13.04
CA SER A 181 -9.81 43.73 14.32
C SER A 181 -8.31 43.52 14.11
N GLN A 182 -7.93 42.77 13.08
CA GLN A 182 -6.55 42.50 12.76
C GLN A 182 -5.97 43.52 11.79
N GLY A 183 -6.72 44.57 11.48
CA GLY A 183 -6.19 45.59 10.61
C GLY A 183 -6.03 45.14 9.18
N CYS A 184 -6.76 44.11 8.77
CA CYS A 184 -6.62 43.64 7.40
C CYS A 184 -7.13 44.71 6.43
N GLY A 185 -6.58 44.68 5.23
CA GLY A 185 -6.94 45.63 4.21
C GLY A 185 -8.23 45.21 3.54
N GLU A 186 -8.63 46.03 2.57
CA GLU A 186 -9.88 45.75 1.88
C GLU A 186 -9.72 44.52 1.00
N GLY A 187 -10.73 43.65 1.02
CA GLY A 187 -10.62 42.38 0.32
C GLY A 187 -9.79 41.32 1.00
N GLN A 188 -9.30 41.55 2.21
CA GLN A 188 -8.49 40.57 2.92
C GLN A 188 -9.26 39.94 4.08
N VAL A 189 -8.84 38.74 4.45
CA VAL A 189 -9.40 38.06 5.61
C VAL A 189 -8.24 37.67 6.52
N ALA A 190 -8.56 37.42 7.79
CA ALA A 190 -7.62 36.70 8.65
C ALA A 190 -7.52 35.27 8.11
N CYS A 191 -6.32 34.87 7.71
CA CYS A 191 -6.12 33.60 7.01
C CYS A 191 -6.08 32.48 8.03
N LEU A 192 -7.23 31.82 8.18
CA LEU A 192 -7.42 30.70 9.10
C LEU A 192 -8.11 29.55 8.39
N PHE A 193 -7.61 28.32 8.59
CA PHE A 193 -8.11 27.17 7.83
C PHE A 193 -9.63 27.07 7.90
N GLU A 194 -10.18 27.07 9.10
CA GLU A 194 -11.62 26.84 9.20
C GLU A 194 -12.43 28.06 8.82
N ASP A 195 -11.80 29.22 8.62
CA ASP A 195 -12.55 30.37 8.13
C ASP A 195 -12.71 30.32 6.61
N VAL A 196 -11.80 29.67 5.86
CA VAL A 196 -11.87 29.68 4.41
C VAL A 196 -12.30 28.35 3.79
N VAL A 197 -11.98 27.20 4.39
CA VAL A 197 -12.34 25.89 3.84
C VAL A 197 -13.66 25.47 4.48
N PRO A 198 -14.72 25.21 3.69
CA PRO A 198 -16.02 24.83 4.29
C PRO A 198 -15.93 23.46 4.95
N MET A 199 -16.59 23.29 6.09
CA MET A 199 -16.53 21.98 6.76
CA MET A 199 -16.55 21.99 6.78
C MET A 199 -17.32 20.93 6.01
N ASN A 200 -18.36 21.31 5.25
CA ASN A 200 -19.08 20.28 4.50
C ASN A 200 -18.20 19.71 3.40
N TYR A 201 -17.37 20.55 2.77
CA TYR A 201 -16.33 20.02 1.89
C TYR A 201 -15.40 19.07 2.63
N MET A 202 -14.89 19.49 3.79
CA MET A 202 -13.89 18.67 4.49
C MET A 202 -14.45 17.32 4.94
N VAL A 203 -15.73 17.29 5.34
CA VAL A 203 -16.34 16.08 5.89
C VAL A 203 -16.91 15.19 4.79
N TYR A 204 -17.79 15.74 3.95
CA TYR A 204 -18.46 14.87 2.99
C TYR A 204 -17.59 14.58 1.79
N PHE A 205 -16.92 15.61 1.26
CA PHE A 205 -16.19 15.42 0.02
C PHE A 205 -14.80 14.91 0.31
N ASN A 206 -14.05 15.64 1.13
CA ASN A 206 -12.68 15.22 1.33
C ASN A 206 -12.61 13.93 2.16
N PHE A 207 -13.23 13.91 3.35
CA PHE A 207 -13.06 12.76 4.24
C PHE A 207 -13.85 11.54 3.74
N PHE A 208 -15.17 11.64 3.69
CA PHE A 208 -15.98 10.46 3.38
C PHE A 208 -15.66 9.95 1.97
N ALA A 209 -15.76 10.82 0.97
CA ALA A 209 -15.65 10.37 -0.42
C ALA A 209 -14.20 10.10 -0.82
N CYS A 210 -13.27 11.02 -0.50
CA CYS A 210 -11.93 10.96 -1.07
C CYS A 210 -10.91 10.25 -0.17
N VAL A 211 -11.24 10.01 1.08
CA VAL A 211 -10.31 9.39 2.01
C VAL A 211 -10.88 8.07 2.52
N LEU A 212 -12.05 8.12 3.15
CA LEU A 212 -12.60 6.92 3.77
C LEU A 212 -12.89 5.85 2.73
N VAL A 213 -13.59 6.20 1.66
CA VAL A 213 -13.91 5.20 0.63
C VAL A 213 -12.64 4.56 0.05
N PRO A 214 -11.62 5.32 -0.37
CA PRO A 214 -10.39 4.65 -0.83
C PRO A 214 -9.73 3.81 0.25
N LEU A 215 -9.70 4.25 1.51
CA LEU A 215 -9.11 3.41 2.55
C LEU A 215 -9.88 2.10 2.71
N LEU A 216 -11.21 2.17 2.65
CA LEU A 216 -12.05 0.97 2.73
C LEU A 216 -11.84 0.06 1.52
N LEU A 217 -11.68 0.63 0.34
CA LEU A 217 -11.32 -0.18 -0.82
C LEU A 217 -9.97 -0.87 -0.62
N MET A 218 -8.98 -0.13 -0.08
CA MET A 218 -7.68 -0.71 0.23
C MET A 218 -7.81 -1.87 1.18
N LEU A 219 -8.63 -1.69 2.23
CA LEU A 219 -8.88 -2.78 3.16
C LEU A 219 -9.43 -4.00 2.43
N GLY A 220 -10.38 -3.78 1.53
CA GLY A 220 -10.92 -4.89 0.77
C GLY A 220 -9.89 -5.58 -0.10
N VAL A 221 -9.02 -4.79 -0.76
CA VAL A 221 -7.93 -5.37 -1.56
C VAL A 221 -6.97 -6.21 -0.72
N TYR A 222 -6.56 -5.68 0.43
CA TYR A 222 -5.64 -6.45 1.29
C TYR A 222 -6.28 -7.74 1.78
N LEU A 223 -7.58 -7.71 2.11
CA LEU A 223 -8.29 -8.93 2.47
C LEU A 223 -8.24 -9.95 1.35
N ARG A 224 -8.45 -9.51 0.11
CA ARG A 224 -8.36 -10.42 -1.04
C ARG A 224 -6.94 -10.93 -1.22
N ILE A 225 -5.94 -10.08 -1.00
CA ILE A 225 -4.54 -10.52 -1.11
C ILE A 225 -4.25 -11.64 -0.11
N PHE A 226 -4.57 -11.41 1.16
CA PHE A 226 -4.23 -12.42 2.16
C PHE A 226 -5.06 -13.69 1.99
N ALA A 227 -6.32 -13.56 1.57
CA ALA A 227 -7.11 -14.76 1.29
C ALA A 227 -6.57 -15.52 0.09
N ALA A 228 -6.12 -14.82 -0.95
CA ALA A 228 -5.55 -15.54 -2.09
C ALA A 228 -4.27 -16.26 -1.71
N ALA A 229 -3.41 -15.60 -0.94
CA ALA A 229 -2.19 -16.25 -0.46
C ALA A 229 -2.51 -17.47 0.41
N ARG A 230 -3.45 -17.33 1.34
CA ARG A 230 -3.79 -18.46 2.21
C ARG A 230 -4.32 -19.62 1.39
N ARG A 231 -5.15 -19.33 0.38
CA ARG A 231 -5.70 -20.39 -0.47
C ARG A 231 -4.61 -21.06 -1.30
N GLN A 232 -3.68 -20.29 -1.85
CA GLN A 232 -2.66 -20.88 -2.70
C GLN A 232 -1.70 -21.74 -1.87
N LEU A 233 -1.37 -21.29 -0.66
CA LEU A 233 -0.53 -22.08 0.23
C LEU A 233 -1.23 -23.38 0.61
N ALA A 234 -2.53 -23.32 0.91
CA ALA A 234 -3.30 -24.51 1.20
C ALA A 234 -3.31 -25.47 0.00
N ASP A 235 -3.46 -24.92 -1.21
CA ASP A 235 -3.45 -25.76 -2.40
C ASP A 235 -2.11 -26.45 -2.61
N LEU A 236 -1.01 -25.78 -2.31
CA LEU A 236 0.30 -26.42 -2.42
C LEU A 236 0.38 -27.62 -1.47
N GLU A 237 -0.03 -27.44 -0.22
CA GLU A 237 0.06 -28.56 0.72
C GLU A 237 -0.93 -29.67 0.36
N ASP A 238 -2.09 -29.31 -0.19
CA ASP A 238 -3.06 -30.32 -0.61
C ASP A 238 -2.53 -31.15 -1.79
N ASN A 239 -1.86 -30.52 -2.76
CA ASN A 239 -1.34 -31.28 -3.88
C ASN A 239 -0.19 -32.19 -3.46
N TRP A 240 0.62 -31.75 -2.52
CA TRP A 240 1.69 -32.58 -1.98
C TRP A 240 1.11 -33.78 -1.24
N GLU A 241 0.09 -33.54 -0.40
CA GLU A 241 -0.53 -34.63 0.33
C GLU A 241 -1.24 -35.60 -0.61
N THR A 242 -1.96 -35.08 -1.60
CA THR A 242 -2.64 -35.93 -2.56
C THR A 242 -1.65 -36.84 -3.30
N LEU A 243 -0.48 -36.29 -3.66
CA LEU A 243 0.55 -37.10 -4.31
C LEU A 243 1.01 -38.24 -3.39
N ASN A 244 1.30 -37.91 -2.13
CA ASN A 244 1.87 -38.92 -1.22
C ASN A 244 0.79 -39.93 -0.79
N ASP A 245 -0.45 -39.47 -0.61
CA ASP A 245 -1.55 -40.39 -0.33
C ASP A 245 -1.71 -41.38 -1.46
N ASN A 246 -1.75 -40.88 -2.70
CA ASN A 246 -2.01 -41.75 -3.83
C ASN A 246 -0.84 -42.72 -4.05
N LEU A 247 0.39 -42.33 -3.67
CA LEU A 247 1.47 -43.32 -3.68
C LEU A 247 1.18 -44.47 -2.72
N LYS A 248 0.67 -44.16 -1.52
CA LYS A 248 0.31 -45.22 -0.56
C LYS A 248 -0.80 -46.10 -1.10
N VAL A 249 -1.80 -45.50 -1.75
CA VAL A 249 -2.89 -46.29 -2.34
C VAL A 249 -2.33 -47.31 -3.32
N ILE A 250 -1.38 -46.89 -4.16
CA ILE A 250 -0.77 -47.78 -5.14
C ILE A 250 0.00 -48.89 -4.43
N GLU A 251 0.72 -48.55 -3.36
CA GLU A 251 1.53 -49.53 -2.66
C GLU A 251 0.68 -50.66 -2.09
N LYS A 252 -0.48 -50.32 -1.53
CA LYS A 252 -1.38 -51.28 -0.90
C LYS A 252 -2.57 -51.64 -1.79
N ALA A 253 -2.47 -51.37 -3.08
CA ALA A 253 -3.49 -51.85 -4.01
C ALA A 253 -3.43 -53.36 -4.16
N ASP A 254 -4.57 -53.95 -4.51
CA ASP A 254 -4.62 -55.39 -4.71
C ASP A 254 -5.03 -55.81 -6.11
N ASN A 255 -5.32 -54.86 -7.00
CA ASN A 255 -5.58 -55.17 -8.40
C ASN A 255 -5.08 -54.04 -9.27
N ALA A 256 -5.01 -54.32 -10.57
CA ALA A 256 -4.49 -53.34 -11.50
C ALA A 256 -5.44 -52.16 -11.61
N ALA A 257 -6.73 -52.38 -11.39
CA ALA A 257 -7.70 -51.30 -11.52
C ALA A 257 -7.52 -50.24 -10.42
N GLN A 258 -7.15 -50.65 -9.22
CA GLN A 258 -6.91 -49.68 -8.15
C GLN A 258 -5.68 -48.84 -8.44
N VAL A 259 -4.62 -49.46 -8.93
CA VAL A 259 -3.43 -48.72 -9.34
C VAL A 259 -3.77 -47.72 -10.44
N LYS A 260 -4.57 -48.14 -11.42
CA LYS A 260 -4.94 -47.24 -12.52
C LYS A 260 -5.69 -46.03 -12.00
N ASP A 261 -6.66 -46.25 -11.13
CA ASP A 261 -7.44 -45.16 -10.56
C ASP A 261 -6.54 -44.12 -9.90
N ALA A 262 -5.62 -44.56 -9.04
CA ALA A 262 -4.78 -43.60 -8.33
C ALA A 262 -3.81 -42.88 -9.26
N LEU A 263 -3.29 -43.57 -10.26
CA LEU A 263 -2.35 -42.93 -11.17
C LEU A 263 -3.03 -41.88 -12.04
N THR A 264 -4.24 -42.17 -12.51
CA THR A 264 -5.00 -41.22 -13.30
C THR A 264 -5.23 -39.93 -12.52
N LYS A 265 -5.48 -40.06 -11.21
CA LYS A 265 -5.62 -38.88 -10.37
C LYS A 265 -4.28 -38.21 -10.15
N MET A 266 -3.21 -38.99 -10.11
CA MET A 266 -1.88 -38.39 -9.99
C MET A 266 -1.52 -37.62 -11.24
N ARG A 267 -1.90 -38.15 -12.41
CA ARG A 267 -1.51 -37.52 -13.66
C ARG A 267 -2.19 -36.17 -13.84
N ALA A 268 -3.50 -36.10 -13.57
CA ALA A 268 -4.19 -34.83 -13.65
C ALA A 268 -3.66 -33.80 -12.67
N ALA A 269 -3.22 -34.22 -11.48
CA ALA A 269 -2.68 -33.25 -10.53
C ALA A 269 -1.31 -32.75 -10.96
N ALA A 270 -0.49 -33.64 -11.53
CA ALA A 270 0.83 -33.26 -11.98
C ALA A 270 0.75 -32.21 -13.08
N LEU A 271 -0.14 -32.42 -14.05
CA LEU A 271 -0.32 -31.41 -15.10
C LEU A 271 -0.87 -30.11 -14.55
N ASP A 272 -1.71 -30.17 -13.50
CA ASP A 272 -2.24 -28.95 -12.93
C ASP A 272 -1.15 -28.16 -12.22
N ALA A 273 -0.20 -28.85 -11.60
CA ALA A 273 0.95 -28.22 -10.97
C ALA A 273 2.03 -27.81 -11.97
N GLN A 274 1.98 -28.32 -13.21
CA GLN A 274 2.95 -27.92 -14.23
C GLN A 274 2.61 -26.56 -14.81
N LYS A 275 1.34 -26.18 -14.81
CA LYS A 275 0.91 -24.88 -15.28
C LYS A 275 0.36 -24.06 -14.13
N LYS A 292 12.93 -25.20 -15.48
CA LYS A 292 14.05 -25.90 -16.17
C LYS A 292 14.31 -27.20 -15.42
N ASP A 293 15.06 -27.16 -14.32
CA ASP A 293 15.23 -28.38 -13.50
C ASP A 293 13.82 -28.76 -13.02
N PHE A 294 12.95 -27.76 -12.87
CA PHE A 294 11.56 -28.01 -12.42
C PHE A 294 10.76 -28.62 -13.56
N ARG A 295 10.92 -28.07 -14.75
CA ARG A 295 10.19 -28.60 -15.93
C ARG A 295 10.76 -29.99 -16.23
N HIS A 296 12.05 -30.17 -16.01
CA HIS A 296 12.63 -31.52 -16.17
C HIS A 296 11.94 -32.45 -15.17
N GLY A 297 11.81 -32.00 -13.92
CA GLY A 297 11.18 -32.82 -12.87
C GLY A 297 9.76 -33.21 -13.22
N PHE A 298 9.00 -32.23 -13.73
CA PHE A 298 7.60 -32.50 -14.08
C PHE A 298 7.55 -33.40 -15.32
N ASP A 299 8.52 -33.23 -16.22
CA ASP A 299 8.54 -34.10 -17.39
C ASP A 299 8.81 -35.54 -16.97
N ILE A 300 9.78 -35.75 -16.08
CA ILE A 300 10.02 -37.07 -15.51
C ILE A 300 8.78 -37.58 -14.78
N LEU A 301 8.15 -36.73 -13.98
CA LEU A 301 7.04 -37.17 -13.14
C LEU A 301 5.88 -37.66 -13.99
N VAL A 302 5.47 -36.84 -14.96
CA VAL A 302 4.36 -37.24 -15.82
C VAL A 302 4.74 -38.47 -16.64
N GLY A 303 5.98 -38.51 -17.14
CA GLY A 303 6.41 -39.67 -17.89
C GLY A 303 6.40 -40.94 -17.06
N GLN A 304 6.83 -40.85 -15.81
CA GLN A 304 6.85 -42.02 -14.94
C GLN A 304 5.43 -42.45 -14.55
N ILE A 305 4.50 -41.51 -14.47
CA ILE A 305 3.11 -41.85 -14.24
C ILE A 305 2.55 -42.57 -15.46
N ASP A 306 2.86 -42.08 -16.66
CA ASP A 306 2.41 -42.74 -17.89
C ASP A 306 2.97 -44.15 -18.01
N ASP A 307 4.25 -44.34 -17.65
CA ASP A 307 4.85 -45.66 -17.67
C ASP A 307 4.02 -46.61 -16.81
N ALA A 308 3.70 -46.17 -15.59
CA ALA A 308 2.97 -47.00 -14.65
C ALA A 308 1.53 -47.25 -15.10
N LEU A 309 0.86 -46.22 -15.62
CA LEU A 309 -0.49 -46.42 -16.17
C LEU A 309 -0.51 -47.42 -17.31
N LYS A 310 0.53 -47.44 -18.13
CA LYS A 310 0.53 -48.37 -19.25
C LYS A 310 0.61 -49.79 -18.72
N LEU A 311 1.44 -50.03 -17.70
CA LEU A 311 1.51 -51.34 -17.09
C LEU A 311 0.21 -51.71 -16.39
N ALA A 312 -0.37 -50.76 -15.65
CA ALA A 312 -1.64 -50.99 -14.98
C ALA A 312 -2.74 -51.41 -15.96
N ASN A 313 -2.87 -50.69 -17.07
CA ASN A 313 -3.90 -50.99 -18.05
C ASN A 313 -3.69 -52.34 -18.73
N GLU A 314 -2.48 -52.85 -18.69
CA GLU A 314 -2.15 -54.20 -19.13
C GLU A 314 -2.40 -55.25 -18.06
N GLY A 315 -2.94 -54.86 -16.90
CA GLY A 315 -3.17 -55.80 -15.82
C GLY A 315 -1.93 -56.27 -15.09
N LYS A 316 -0.82 -55.55 -15.19
CA LYS A 316 0.42 -55.91 -14.54
C LYS A 316 0.59 -55.12 -13.25
N VAL A 317 -0.01 -55.63 -12.17
CA VAL A 317 -0.08 -54.84 -10.92
C VAL A 317 1.31 -54.68 -10.32
N LYS A 318 2.01 -55.79 -10.06
CA LYS A 318 3.35 -55.73 -9.48
C LYS A 318 4.29 -54.84 -10.30
N GLU A 319 4.27 -54.98 -11.63
CA GLU A 319 5.14 -54.14 -12.44
C GLU A 319 4.74 -52.67 -12.36
N ALA A 320 3.44 -52.39 -12.29
CA ALA A 320 2.98 -51.02 -12.18
C ALA A 320 3.35 -50.43 -10.82
N GLN A 321 3.22 -51.21 -9.74
CA GLN A 321 3.58 -50.72 -8.42
C GLN A 321 5.08 -50.45 -8.32
N ALA A 322 5.91 -51.29 -8.93
CA ALA A 322 7.35 -51.01 -8.92
C ALA A 322 7.67 -49.74 -9.72
N ALA A 323 7.05 -49.59 -10.89
CA ALA A 323 7.19 -48.35 -11.67
C ALA A 323 6.78 -47.12 -10.86
N ALA A 324 5.72 -47.25 -10.06
CA ALA A 324 5.21 -46.11 -9.32
C ALA A 324 6.14 -45.74 -8.17
N GLU A 325 6.90 -46.71 -7.66
CA GLU A 325 7.89 -46.44 -6.63
C GLU A 325 9.01 -45.53 -7.15
N GLN A 326 9.28 -45.59 -8.45
CA GLN A 326 10.28 -44.72 -9.05
C GLN A 326 9.93 -43.26 -8.85
N LEU A 327 8.62 -42.97 -8.76
CA LEU A 327 8.12 -41.62 -8.52
C LEU A 327 8.75 -41.01 -7.27
N LYS A 328 9.14 -41.82 -6.28
CA LYS A 328 9.65 -41.26 -5.04
C LYS A 328 10.99 -40.55 -5.26
N THR A 329 11.89 -41.10 -6.10
CA THR A 329 13.11 -40.35 -6.42
C THR A 329 12.78 -39.03 -7.10
N THR A 330 11.82 -39.03 -8.02
CA THR A 330 11.50 -37.77 -8.66
C THR A 330 10.90 -36.79 -7.67
N ARG A 331 10.04 -37.28 -6.78
CA ARG A 331 9.45 -36.41 -5.76
C ARG A 331 10.53 -35.81 -4.87
N ASN A 332 11.50 -36.62 -4.44
CA ASN A 332 12.53 -36.15 -3.53
C ASN A 332 13.49 -35.19 -4.24
N ALA A 333 13.93 -35.55 -5.43
CA ALA A 333 14.97 -34.80 -6.12
C ALA A 333 14.45 -33.51 -6.76
N TYR A 334 13.18 -33.46 -7.16
CA TYR A 334 12.65 -32.31 -7.89
C TYR A 334 11.43 -31.71 -7.22
N ILE A 335 10.35 -32.47 -7.06
CA ILE A 335 9.04 -31.91 -6.73
C ILE A 335 9.08 -31.22 -5.36
N GLN A 336 9.77 -31.82 -4.40
CA GLN A 336 9.81 -31.18 -3.09
C GLN A 336 10.54 -29.83 -3.15
N LYS A 337 11.56 -29.74 -4.01
CA LYS A 337 12.25 -28.48 -4.20
C LYS A 337 11.34 -27.44 -4.83
N TYR A 338 10.51 -27.84 -5.79
CA TYR A 338 9.56 -26.88 -6.37
C TYR A 338 8.57 -26.40 -5.32
N LEU A 339 8.00 -27.33 -4.55
CA LEU A 339 7.09 -26.98 -3.47
C LEU A 339 7.70 -25.96 -2.50
N GLU A 340 8.93 -26.21 -2.02
CA GLU A 340 9.51 -25.29 -1.03
C GLU A 340 9.74 -23.91 -1.62
N ARG A 341 10.16 -23.82 -2.89
CA ARG A 341 10.38 -22.52 -3.49
C ARG A 341 9.06 -21.79 -3.71
N ALA A 342 8.01 -22.50 -4.14
CA ALA A 342 6.71 -21.88 -4.28
C ALA A 342 6.20 -21.38 -2.94
N ARG A 343 6.34 -22.20 -1.89
CA ARG A 343 5.97 -21.75 -0.55
C ARG A 343 6.77 -20.51 -0.16
N SER A 344 8.07 -20.51 -0.45
CA SER A 344 8.92 -19.38 -0.05
C SER A 344 8.54 -18.12 -0.81
N THR A 345 8.17 -18.25 -2.08
CA THR A 345 7.73 -17.08 -2.84
C THR A 345 6.42 -16.54 -2.29
N LEU A 346 5.47 -17.42 -2.00
CA LEU A 346 4.18 -16.98 -1.45
C LEU A 346 4.39 -16.31 -0.10
N GLN A 347 5.28 -16.86 0.73
CA GLN A 347 5.51 -16.29 2.04
C GLN A 347 6.14 -14.91 1.96
N LYS A 348 7.00 -14.71 0.95
CA LYS A 348 7.61 -13.40 0.69
C LYS A 348 6.57 -12.40 0.21
N GLU A 349 5.63 -12.86 -0.59
CA GLU A 349 4.52 -12.00 -1.01
C GLU A 349 3.63 -11.63 0.18
N VAL A 350 3.33 -12.58 1.07
CA VAL A 350 2.59 -12.23 2.29
C VAL A 350 3.35 -11.20 3.10
N HIS A 351 4.67 -11.37 3.26
CA HIS A 351 5.46 -10.44 4.05
C HIS A 351 5.47 -9.05 3.42
N ALA A 352 5.60 -9.00 2.10
CA ALA A 352 5.62 -7.70 1.43
C ALA A 352 4.23 -7.04 1.48
N ALA A 353 3.16 -7.84 1.35
CA ALA A 353 1.81 -7.26 1.46
C ALA A 353 1.54 -6.77 2.87
N LYS A 354 2.06 -7.47 3.90
CA LYS A 354 1.91 -6.98 5.26
C LYS A 354 2.63 -5.66 5.45
N SER A 355 3.84 -5.51 4.88
CA SER A 355 4.56 -4.25 4.99
C SER A 355 3.79 -3.11 4.35
N ALA A 356 3.25 -3.31 3.15
CA ALA A 356 2.45 -2.30 2.49
C ALA A 356 1.18 -1.98 3.28
N ALA A 357 0.55 -3.01 3.85
CA ALA A 357 -0.67 -2.77 4.63
C ALA A 357 -0.37 -1.96 5.89
N ILE A 358 0.79 -2.19 6.51
CA ILE A 358 1.18 -1.40 7.67
C ILE A 358 1.28 0.08 7.32
N ILE A 359 1.88 0.39 6.16
CA ILE A 359 2.00 1.75 5.67
C ILE A 359 0.63 2.38 5.48
N ALA A 360 -0.27 1.67 4.81
CA ALA A 360 -1.64 2.17 4.63
C ALA A 360 -2.34 2.34 5.98
N GLY A 361 -2.13 1.41 6.91
CA GLY A 361 -2.78 1.55 8.21
C GLY A 361 -2.23 2.72 9.01
N LEU A 362 -0.93 3.00 8.90
CA LEU A 362 -0.37 4.14 9.61
C LEU A 362 -0.85 5.45 9.01
N PHE A 363 -1.05 5.50 7.70
CA PHE A 363 -1.67 6.69 7.11
C PHE A 363 -3.04 6.90 7.76
N ALA A 364 -3.85 5.84 7.87
CA ALA A 364 -5.17 6.00 8.48
C ALA A 364 -5.04 6.42 9.95
N LEU A 365 -4.11 5.85 10.71
CA LEU A 365 -4.00 6.19 12.12
CA LEU A 365 -4.02 6.20 12.12
C LEU A 365 -3.57 7.64 12.31
N CYS A 366 -2.69 8.14 11.44
CA CYS A 366 -2.20 9.50 11.59
C CYS A 366 -3.21 10.56 11.12
N TRP A 367 -4.05 10.24 10.14
CA TRP A 367 -4.97 11.26 9.61
C TRP A 367 -6.35 11.22 10.21
N LEU A 368 -6.79 10.06 10.72
CA LEU A 368 -8.15 9.95 11.23
C LEU A 368 -8.45 10.90 12.38
N PRO A 369 -7.54 11.17 13.33
CA PRO A 369 -7.92 12.06 14.43
C PRO A 369 -8.35 13.43 13.94
N LEU A 370 -7.60 14.03 13.02
CA LEU A 370 -7.98 15.33 12.48
C LEU A 370 -9.31 15.25 11.74
N HIS A 371 -9.50 14.22 10.92
CA HIS A 371 -10.78 14.09 10.23
C HIS A 371 -11.93 13.90 11.23
N ILE A 372 -11.71 13.08 12.25
CA ILE A 372 -12.75 12.86 13.25
C ILE A 372 -13.08 14.15 13.98
N ILE A 373 -12.07 14.94 14.33
CA ILE A 373 -12.36 16.22 14.94
C ILE A 373 -13.23 17.08 14.02
N ASN A 374 -12.89 17.12 12.73
CA ASN A 374 -13.72 17.87 11.78
C ASN A 374 -15.16 17.38 11.79
N CYS A 375 -15.36 16.06 11.95
CA CYS A 375 -16.72 15.53 12.02
C CYS A 375 -17.45 16.07 13.25
N PHE A 376 -16.75 16.14 14.40
CA PHE A 376 -17.38 16.73 15.59
C PHE A 376 -17.70 18.21 15.35
N THR A 377 -16.77 18.96 14.74
CA THR A 377 -17.01 20.38 14.50
C THR A 377 -18.24 20.55 13.62
N PHE A 378 -18.38 19.69 12.61
CA PHE A 378 -19.44 19.84 11.61
C PHE A 378 -20.79 19.30 12.11
N PHE A 379 -20.80 18.07 12.63
CA PHE A 379 -22.03 17.38 12.97
C PHE A 379 -22.57 17.73 14.33
N CYS A 380 -21.76 18.31 15.22
CA CYS A 380 -22.19 18.63 16.59
C CYS A 380 -21.99 20.12 16.86
N PRO A 381 -22.81 20.98 16.27
CA PRO A 381 -22.70 22.42 16.55
C PRO A 381 -23.08 22.79 17.97
N ASP A 382 -23.73 21.91 18.72
CA ASP A 382 -23.95 22.10 20.15
C ASP A 382 -22.76 21.71 21.02
N CYS A 383 -21.76 21.04 20.47
CA CYS A 383 -20.54 20.67 21.19
C CYS A 383 -19.55 21.82 21.11
N SER A 384 -18.89 22.13 22.23
CA SER A 384 -17.75 23.03 22.16
C SER A 384 -16.72 22.51 21.15
N HIS A 385 -16.13 23.44 20.42
CA HIS A 385 -15.06 23.11 19.49
C HIS A 385 -13.90 22.46 20.24
N ALA A 386 -13.31 21.43 19.63
CA ALA A 386 -12.07 20.86 20.16
C ALA A 386 -11.10 21.98 20.49
N PRO A 387 -10.40 21.91 21.63
CA PRO A 387 -9.52 23.02 22.00
C PRO A 387 -8.34 23.14 21.05
N LEU A 388 -7.78 24.34 21.02
CA LEU A 388 -6.66 24.64 20.13
C LEU A 388 -5.49 23.68 20.33
N TRP A 389 -5.16 23.33 21.58
CA TRP A 389 -4.01 22.42 21.78
C TRP A 389 -4.24 21.08 21.11
N LEU A 390 -5.50 20.63 21.08
CA LEU A 390 -5.84 19.35 20.45
C LEU A 390 -5.83 19.48 18.93
N MET A 391 -6.29 20.62 18.41
CA MET A 391 -6.16 20.90 16.97
C MET A 391 -4.70 20.78 16.58
N TYR A 392 -3.82 21.37 17.39
CA TYR A 392 -2.44 21.39 16.95
C TYR A 392 -1.80 20.02 17.10
N LEU A 393 -2.22 19.24 18.11
CA LEU A 393 -1.77 17.86 18.22
C LEU A 393 -2.22 17.02 17.03
N ALA A 394 -3.49 17.19 16.60
CA ALA A 394 -3.99 16.41 15.48
C ALA A 394 -3.33 16.80 14.17
N ILE A 395 -2.99 18.10 14.02
CA ILE A 395 -2.30 18.54 12.80
C ILE A 395 -0.90 17.96 12.77
N VAL A 396 -0.19 18.08 13.89
CA VAL A 396 1.17 17.55 14.00
C VAL A 396 1.20 16.04 13.75
N LEU A 397 0.21 15.32 14.30
CA LEU A 397 0.11 13.87 14.07
C LEU A 397 -0.07 13.56 12.59
N SER A 398 -0.93 14.30 11.90
CA SER A 398 -1.09 14.09 10.46
C SER A 398 0.23 14.30 9.72
N HIS A 399 1.02 15.30 10.14
CA HIS A 399 2.30 15.56 9.47
C HIS A 399 3.33 14.47 9.79
N THR A 400 3.27 13.90 11.01
CA THR A 400 4.14 12.80 11.41
CA THR A 400 4.18 12.82 11.38
C THR A 400 4.03 11.60 10.46
N ASN A 401 2.89 11.44 9.79
CA ASN A 401 2.80 10.36 8.83
C ASN A 401 3.86 10.49 7.74
N SER A 402 4.29 11.72 7.42
CA SER A 402 5.32 11.88 6.39
C SER A 402 6.72 11.48 6.88
N VAL A 403 6.89 11.11 8.14
CA VAL A 403 8.18 10.67 8.68
C VAL A 403 8.27 9.15 8.67
N VAL A 404 7.14 8.46 8.77
CA VAL A 404 7.19 7.08 9.26
C VAL A 404 7.54 6.08 8.17
N ASN A 405 7.14 6.31 6.91
CA ASN A 405 7.38 5.28 5.88
C ASN A 405 8.85 4.88 5.73
N PRO A 406 9.83 5.79 5.68
CA PRO A 406 11.23 5.34 5.60
C PRO A 406 11.63 4.35 6.69
N PHE A 407 11.07 4.48 7.89
CA PHE A 407 11.33 3.53 8.97
C PHE A 407 10.70 2.18 8.73
N ILE A 408 9.48 2.15 8.19
CA ILE A 408 8.85 0.88 7.89
C ILE A 408 9.66 0.14 6.84
N TYR A 409 10.14 0.86 5.82
CA TYR A 409 10.96 0.22 4.79
C TYR A 409 12.26 -0.32 5.37
N ALA A 410 12.90 0.46 6.26
CA ALA A 410 14.16 0.05 6.82
C ALA A 410 13.99 -1.20 7.68
N TYR A 411 12.92 -1.25 8.48
CA TYR A 411 12.72 -2.37 9.38
C TYR A 411 12.16 -3.61 8.70
N ARG A 412 11.47 -3.47 7.56
CA ARG A 412 10.74 -4.59 7.00
C ARG A 412 11.23 -5.06 5.65
N ILE A 413 12.06 -4.30 4.93
CA ILE A 413 12.46 -4.64 3.57
C ILE A 413 13.98 -4.64 3.51
N ARG A 414 14.58 -5.84 3.48
CA ARG A 414 16.04 -5.99 3.51
C ARG A 414 16.72 -5.18 2.41
N GLU A 415 16.17 -5.19 1.20
CA GLU A 415 16.82 -4.47 0.11
C GLU A 415 16.88 -2.97 0.37
N PHE A 416 15.85 -2.40 1.01
CA PHE A 416 15.91 -1.00 1.40
C PHE A 416 16.92 -0.80 2.51
N ARG A 417 16.79 -1.61 3.57
CA ARG A 417 17.67 -1.47 4.73
C ARG A 417 19.13 -1.53 4.32
N GLN A 418 19.48 -2.46 3.42
CA GLN A 418 20.88 -2.58 3.00
C GLN A 418 21.32 -1.39 2.16
N THR A 419 20.43 -0.89 1.31
CA THR A 419 20.80 0.28 0.51
C THR A 419 20.91 1.52 1.37
N PHE A 420 20.01 1.69 2.34
CA PHE A 420 20.15 2.78 3.30
C PHE A 420 21.52 2.74 3.96
N ARG A 421 21.91 1.57 4.47
CA ARG A 421 23.20 1.46 5.17
C ARG A 421 24.34 1.90 4.27
N LYS A 422 24.33 1.43 3.02
CA LYS A 422 25.37 1.76 2.06
C LYS A 422 25.40 3.25 1.76
N ILE A 423 24.23 3.87 1.63
CA ILE A 423 24.17 5.30 1.38
C ILE A 423 24.74 6.07 2.56
N ILE A 424 24.32 5.68 3.77
CA ILE A 424 24.74 6.37 4.99
C ILE A 424 26.23 6.18 5.21
N ARG A 425 26.72 4.93 5.11
CA ARG A 425 28.14 4.68 5.33
C ARG A 425 28.99 5.51 4.36
N SER A 426 28.70 5.44 3.08
CA SER A 426 29.45 6.23 2.12
C SER A 426 29.15 7.73 2.25
N1 JQ9 B . -6.42 20.22 7.65
C12 JQ9 B . -6.45 17.86 6.98
O2 JQ9 B . -4.16 20.39 7.24
C2 JQ9 B . -5.15 20.78 7.84
N3 JQ9 B . -5.07 21.79 8.77
C21 JQ9 B . -3.74 22.33 9.10
C22 JQ9 B . -3.38 23.48 8.19
C4 JQ9 B . -6.15 22.12 9.56
N9 JQ9 B . -6.17 23.09 10.51
C8 JQ9 B . -7.40 23.02 11.01
N7 JQ9 B . -8.15 22.05 10.38
C7 JQ9 B . -9.55 21.73 10.67
C5 JQ9 B . -7.33 21.48 9.45
C6 JQ9 B . -7.56 20.47 8.45
O6 JQ9 B . -8.58 19.84 8.29
C11 JQ9 B . -6.58 19.25 6.54
CA JQ9 B . -7.88 23.80 12.12
CB JQ9 B . -7.13 24.72 12.68
C1' JQ9 B . -7.48 25.61 13.78
C6' JQ9 B . -8.74 25.64 14.37
C5' JQ9 B . -9.08 26.64 15.27
C4' JQ9 B . -8.16 27.63 15.57
O4' JQ9 B . -8.40 28.68 16.41
C8' JQ9 B . -9.63 28.66 17.15
C3' JQ9 B . -6.87 27.60 14.99
C2' JQ9 B . -6.53 26.57 14.14
O3' JQ9 B . -6.04 28.63 15.31
C9' JQ9 B . -4.70 28.57 14.85
C1 CLR C . -21.84 12.67 15.17
C2 CLR C . -22.58 13.79 15.90
C3 CLR C . -22.71 13.46 17.37
C4 CLR C . -21.31 13.25 17.96
C5 CLR C . -20.58 12.15 17.21
C6 CLR C . -20.06 11.09 17.84
C7 CLR C . -19.18 10.08 17.18
C8 CLR C . -18.73 10.48 15.77
C9 CLR C . -19.89 11.12 15.00
C10 CLR C . -20.42 12.39 15.71
C11 CLR C . -19.58 11.35 13.52
C12 CLR C . -18.95 10.17 12.77
C13 CLR C . -17.75 9.61 13.55
C14 CLR C . -18.28 9.27 14.96
C15 CLR C . -17.27 8.34 15.60
C16 CLR C . -16.48 7.75 14.40
C17 CLR C . -17.22 8.23 13.11
C18 CLR C . -16.60 10.64 13.59
C19 CLR C . -19.48 13.61 15.51
C20 CLR C . -16.27 8.18 11.90
C21 CLR C . -16.87 8.63 10.57
C22 CLR C . -15.74 6.76 11.79
C23 CLR C . -14.37 6.74 11.12
C24 CLR C . -14.42 5.87 9.89
C25 CLR C . -13.90 4.46 10.11
C26 CLR C . -15.08 3.51 10.23
C27 CLR C . -13.00 4.40 11.33
O1 CLR C . -23.42 14.51 17.97
C1 CLR D . 0.24 35.81 0.29
C2 CLR D . -0.73 36.88 0.80
C3 CLR D . -1.62 37.41 -0.31
C4 CLR D . -2.36 36.28 -1.00
C5 CLR D . -1.43 35.24 -1.54
C6 CLR D . -1.52 34.86 -2.81
C7 CLR D . -0.69 33.77 -3.43
C8 CLR D . 0.16 32.98 -2.42
C9 CLR D . 0.70 33.90 -1.30
C10 CLR D . -0.42 34.67 -0.55
C11 CLR D . 1.62 33.09 -0.38
C12 CLR D . 2.83 32.54 -1.14
C13 CLR D . 2.30 31.53 -2.20
C14 CLR D . 1.34 32.32 -3.11
C15 CLR D . 1.02 31.34 -4.25
C16 CLR D . 2.37 30.63 -4.46
C17 CLR D . 3.30 30.95 -3.24
C18 CLR D . 1.57 30.35 -1.56
C19 CLR D . -1.14 33.70 0.42
C20 CLR D . 4.18 29.73 -2.93
C21 CLR D . 5.04 29.89 -1.68
C22 CLR D . 5.06 29.40 -4.14
C23 CLR D . 5.99 28.19 -3.97
C24 CLR D . 6.54 27.72 -5.31
C25 CLR D . 7.26 26.36 -5.28
C26 CLR D . 8.37 26.34 -4.22
C27 CLR D . 7.86 26.04 -6.64
O1 CLR D . -2.54 38.37 0.18
C1 OLA E . -27.01 15.72 13.39
O1 OLA E . -27.31 16.05 12.22
O2 OLA E . -27.59 16.29 14.36
C2 OLA E . -25.96 14.68 13.57
C3 OLA E . -25.83 13.93 12.27
C4 OLA E . -24.62 13.03 12.40
C5 OLA E . -24.39 12.24 11.14
C6 OLA E . -23.22 11.30 11.33
C7 OLA E . -22.77 10.83 9.98
C8 OLA E . -22.63 9.32 9.83
C9 OLA E . -21.24 8.95 10.22
C10 OLA E . -20.35 8.21 9.31
C11 OLA E . -20.82 7.23 8.27
C12 OLA E . -19.57 6.50 7.78
C1 OLA F . 2.26 38.18 4.42
O1 OLA F . 2.10 37.92 3.20
O2 OLA F . 2.04 39.33 4.86
C2 OLA F . 2.73 37.07 5.29
C3 OLA F . 3.51 36.13 4.39
C4 OLA F . 2.71 34.89 4.04
C5 OLA F . 3.54 34.04 3.13
C6 OLA F . 4.03 32.79 3.80
C7 OLA F . 4.36 31.75 2.73
C8 OLA F . 4.55 30.40 3.40
C9 OLA F . 5.64 29.63 2.71
C10 OLA F . 7.00 29.90 3.14
C11 OLA F . 8.11 29.07 2.55
C12 OLA F . 7.71 28.80 1.11
C13 OLA F . 8.26 27.45 0.72
C14 OLA F . 9.73 27.54 0.39
C15 OLA F . 9.94 27.24 -1.08
C1 CLR G . -14.83 17.10 20.24
C2 CLR G . -15.39 18.37 20.86
C3 CLR G . -16.37 18.07 21.99
C4 CLR G . -15.68 17.23 23.05
C5 CLR G . -15.07 15.99 22.45
C6 CLR G . -15.12 14.83 23.09
C7 CLR G . -14.48 13.58 22.60
C8 CLR G . -13.28 13.83 21.66
C9 CLR G . -13.66 14.89 20.61
C10 CLR G . -14.10 16.23 21.28
C11 CLR G . -12.54 15.07 19.58
C12 CLR G . -12.17 13.74 18.90
C13 CLR G . -11.67 12.73 19.93
C14 CLR G . -12.85 12.55 20.93
C15 CLR G . -12.48 11.33 21.75
C16 CLR G . -11.73 10.41 20.74
C17 CLR G . -11.42 11.27 19.47
C18 CLR G . -10.46 13.30 20.67
C19 CLR G . -12.91 17.00 21.84
C20 CLR G . -10.08 10.88 18.79
C21 CLR G . -9.74 11.75 17.58
C22 CLR G . -10.11 9.42 18.35
C23 CLR G . -8.82 8.85 17.77
C24 CLR G . -8.98 7.40 17.35
C25 CLR G . -7.78 6.76 16.59
C26 CLR G . -7.94 6.99 15.09
C27 CLR G . -7.70 5.25 16.80
O1 CLR G . -16.89 19.28 22.50
C10 OLA H . -4.90 -3.46 6.71
C11 OLA H . -5.03 -2.54 5.51
C12 OLA H . -5.22 -1.09 5.96
C13 OLA H . -5.99 -0.30 4.92
C14 OLA H . -6.58 0.98 5.51
C15 OLA H . -7.27 0.76 6.86
C16 OLA H . -8.74 1.19 6.77
C17 OLA H . -9.19 2.12 7.89
C18 OLA H . -10.46 2.85 7.45
C1 OLA I . 2.28 37.28 10.11
O1 OLA I . 1.52 37.50 11.09
O2 OLA I . 2.29 38.09 9.16
C2 OLA I . 3.18 36.08 10.07
C3 OLA I . 3.50 35.82 8.62
C4 OLA I . 3.44 34.34 8.29
C5 OLA I . 4.50 33.57 9.06
C6 OLA I . 5.62 33.12 8.13
C7 OLA I . 5.63 31.61 7.98
C8 OLA I . 7.05 31.11 7.87
C9 OLA I . 7.03 29.71 7.31
C10 OLA I . 8.08 28.77 7.72
C11 OLA I . 9.41 29.34 8.10
C12 OLA I . 10.49 28.42 7.58
C13 OLA I . 10.44 28.34 6.07
C14 OLA I . 11.28 27.16 5.62
C15 OLA I . 10.85 25.91 6.40
C16 OLA I . 11.89 24.80 6.28
C17 OLA I . 11.42 23.45 6.82
C18 OLA I . 12.55 22.45 6.62
C1 OLA J . -1.44 -0.79 -10.78
O1 OLA J . -0.77 -1.40 -11.65
O2 OLA J . -0.96 -0.73 -9.63
C2 OLA J . -2.77 -0.16 -11.10
C3 OLA J . -2.87 1.21 -10.44
C4 OLA J . -4.28 1.57 -9.99
C5 OLA J . -4.31 3.06 -9.64
C6 OLA J . -5.37 3.45 -8.63
C7 OLA J . -5.79 4.90 -8.84
C1 OLA K . 13.71 7.17 -8.68
O1 OLA K . 13.15 7.01 -9.79
O2 OLA K . 14.30 6.20 -8.17
C2 OLA K . 13.69 8.49 -7.93
C3 OLA K . 13.52 9.67 -8.88
C4 OLA K . 12.53 10.69 -8.33
C5 OLA K . 13.00 11.12 -6.95
C6 OLA K . 12.51 12.51 -6.56
C7 OLA K . 11.20 12.85 -7.23
C8 OLA K . 10.43 13.86 -6.39
C9 OLA K . 11.31 14.62 -5.42
C10 OLA K . 10.78 15.72 -4.62
C11 OLA K . 9.57 16.48 -5.11
C12 OLA K . 10.04 17.78 -5.75
C1 OLA L . 9.14 7.05 -11.85
O1 OLA L . 9.15 6.19 -12.77
O2 OLA L . 9.85 8.08 -11.96
C2 OLA L . 8.27 6.88 -10.62
C3 OLA L . 8.36 8.13 -9.76
C4 OLA L . 7.14 9.00 -10.03
C5 OLA L . 6.99 10.08 -8.98
C6 OLA L . 8.05 11.14 -9.16
C7 OLA L . 7.65 12.39 -8.42
C8 OLA L . 6.44 13.04 -9.06
C9 OLA L . 6.05 14.15 -8.12
C10 OLA L . 5.06 15.14 -8.54
C11 OLA L . 5.14 16.54 -7.97
C12 OLA L . 3.94 17.38 -8.38
C13 OLA L . 3.68 18.48 -7.36
C14 OLA L . 4.50 19.72 -7.68
C1 OLA M . -13.93 20.02 24.72
O1 OLA M . -13.98 20.96 23.87
O2 OLA M . -14.90 19.83 25.51
C2 OLA M . -12.71 19.13 24.79
C3 OLA M . -12.22 18.92 26.21
C4 OLA M . -10.89 18.17 26.11
C5 OLA M . -11.07 16.87 25.35
C6 OLA M . -9.73 16.14 25.20
C7 OLA M . -9.95 14.72 24.69
C8 OLA M . -8.80 13.80 25.06
C9 OLA M . -7.92 13.53 23.87
C10 OLA M . -6.48 13.87 23.94
C11 OLA M . -5.38 12.88 23.63
C12 OLA M . -4.13 13.28 24.40
C13 OLA M . -2.92 12.41 24.05
C1 OLA N . -5.33 35.26 -5.29
O1 OLA N . -5.63 35.62 -6.46
O2 OLA N . -5.86 35.83 -4.31
C2 OLA N . -4.33 34.15 -5.07
C3 OLA N . -4.04 33.35 -6.34
C4 OLA N . -3.43 32.00 -6.00
C5 OLA N . -2.70 31.46 -7.22
C6 OLA N . -2.21 30.05 -6.92
C7 OLA N . -0.79 29.89 -7.46
C8 OLA N . -0.43 28.45 -7.78
C9 OLA N . 1.07 28.32 -7.75
C10 OLA N . 1.78 27.26 -8.48
C10 OLA O . 8.88 14.77 16.19
C11 OLA O . 8.63 13.78 15.05
C12 OLA O . 8.51 12.34 15.56
C13 OLA O . 8.14 11.40 14.42
C14 OLA O . 7.99 9.96 14.88
C15 OLA O . 8.12 9.01 13.69
C16 OLA O . 8.96 7.82 14.08
C17 OLA O . 8.76 6.54 13.40
C1 OLA P . -26.82 16.75 3.75
O1 OLA P . -27.74 17.07 4.55
O2 OLA P . -26.03 17.63 3.33
C2 OLA P . -26.68 15.33 3.29
C3 OLA P . -25.29 15.13 2.73
C4 OLA P . -25.22 13.75 2.09
C5 OLA P . -24.21 12.82 2.74
C6 OLA P . -23.20 12.43 1.67
C7 OLA P . -22.20 11.36 2.11
C8 OLA P . -21.68 10.61 0.89
C9 OLA P . -20.18 10.70 0.94
C10 OLA P . -19.29 9.70 0.31
C11 OLA P . -19.79 8.62 -0.61
C4 OLA Q . 5.78 10.65 -14.23
C5 OLA Q . 5.61 11.34 -12.88
C6 OLA Q . 4.42 12.28 -12.84
C7 OLA Q . 4.89 13.67 -12.45
C8 OLA Q . 3.77 14.52 -11.87
C9 OLA Q . 2.81 14.92 -12.97
C10 OLA Q . 2.10 16.21 -12.85
C11 OLA Q . 2.52 17.16 -11.76
C12 OLA Q . 1.37 18.07 -11.36
C13 OLA Q . 0.41 18.28 -12.52
C14 OLA Q . 0.08 19.77 -12.67
C15 OLA Q . -1.17 20.15 -11.90
C16 OLA Q . -2.28 20.52 -12.87
C17 OLA Q . -3.53 20.97 -12.10
C18 OLA Q . -3.20 22.19 -11.25
C1 OLA R . -1.53 25.38 22.92
O1 OLA R . -2.34 25.75 22.05
O2 OLA R . -1.42 26.04 23.99
C2 OLA R . -0.67 24.15 22.73
C3 OLA R . 0.33 24.44 21.63
C4 OLA R . 1.34 23.30 21.55
C5 OLA R . 0.78 21.98 22.03
C6 OLA R . 0.86 20.89 20.96
C7 OLA R . 1.71 21.32 19.76
C8 OLA R . 2.66 20.21 19.33
C9 OLA R . 2.49 19.01 20.23
C10 OLA R . 3.03 17.74 19.76
C11 OLA R . 3.68 16.75 20.71
C12 OLA R . 4.91 16.16 20.05
C13 OLA R . 4.60 15.07 19.02
C14 OLA R . 5.82 14.74 18.15
C1 OLA S . -20.16 16.10 23.90
O1 OLA S . -19.87 17.29 24.20
O2 OLA S . -21.36 15.76 23.90
C2 OLA S . -19.08 15.10 23.57
C3 OLA S . -19.63 13.86 22.87
C4 OLA S . -18.72 12.68 23.14
C5 OLA S . -18.50 11.79 21.93
C6 OLA S . -17.94 10.44 22.40
C7 OLA S . -17.46 9.55 21.27
C8 OLA S . -15.94 9.52 21.19
C9 OLA S . -15.54 8.63 20.04
C10 OLA S . -14.87 9.21 18.86
C11 OLA S . -14.49 8.29 17.74
C12 OLA S . -13.83 7.09 18.41
C13 OLA S . -12.98 6.30 17.44
C14 OLA S . -13.69 6.09 16.11
C15 OLA S . -12.96 5.02 15.30
C16 OLA S . -11.46 5.31 15.20
C2 OLA T . 7.89 37.04 10.27
C3 OLA T . 7.86 35.51 10.21
C4 OLA T . 8.79 34.99 9.14
C5 OLA T . 10.22 35.40 9.49
C6 OLA T . 11.18 34.98 8.40
C7 OLA T . 11.53 33.51 8.54
C8 OLA T . 12.98 33.33 8.10
C9 OLA T . 13.21 31.90 7.66
C10 OLA T . 14.43 31.56 6.89
C11 OLA T . 14.49 30.21 6.23
C12 OLA T . 14.92 30.34 4.76
C13 OLA T . 14.91 28.96 4.09
C14 OLA T . 15.94 28.90 2.97
C15 OLA T . 16.10 27.48 2.44
C1 OLA U . -27.20 14.17 7.52
O1 OLA U . -27.85 14.61 6.55
O2 OLA U . -26.99 14.93 8.50
C2 OLA U . -26.69 12.75 7.49
C3 OLA U . -25.18 12.76 7.59
C4 OLA U . -24.52 12.26 6.32
C5 OLA U . -24.87 10.83 5.98
C6 OLA U . -23.62 9.95 6.04
C7 OLA U . -23.32 9.27 4.71
C8 OLA U . -22.80 7.85 4.91
C1 OLA V . -8.46 33.76 -7.86
O1 OLA V . -9.39 34.43 -7.36
O2 OLA V . -7.59 34.35 -8.55
C2 OLA V . -8.38 32.26 -7.68
C3 OLA V . -6.99 31.71 -8.01
C4 OLA V . -6.98 30.70 -9.16
C5 OLA V . -6.98 29.26 -8.64
C6 OLA V . -6.27 28.31 -9.59
C7 OLA V . -5.20 27.51 -8.85
C8 OLA V . -3.99 27.17 -9.74
C9 OLA V . -3.03 26.25 -9.03
C10 OLA V . -2.07 25.44 -9.83
C11 OLA V . -1.16 24.45 -9.14
C12 OLA V . -0.28 23.75 -10.18
C13 OLA V . 1.22 24.01 -9.94
C14 OLA V . 1.95 22.74 -9.55
C15 OLA V . 2.64 22.08 -10.74
C1 OLA W . -3.43 22.15 27.90
O1 OLA W . -3.81 23.35 27.88
O2 OLA W . -3.92 21.37 28.74
C2 OLA W . -2.40 21.64 26.92
C3 OLA W . -2.33 20.12 27.01
C4 OLA W . -1.18 19.65 26.13
C5 OLA W . -1.32 18.19 25.73
C6 OLA W . -0.39 17.83 24.57
C1 OLA X . 9.28 30.95 16.89
O1 OLA X . 8.29 31.59 16.44
O2 OLA X . 9.88 31.44 17.87
C2 OLA X . 9.77 29.66 16.26
C3 OLA X . 10.89 28.99 17.07
C4 OLA X . 12.12 28.95 16.18
C5 OLA X . 13.05 27.80 16.53
C6 OLA X . 13.00 26.72 15.46
C7 OLA X . 13.98 25.58 15.77
C8 OLA X . 13.46 24.23 15.26
C9 OLA X . 14.06 23.10 16.10
C10 OLA Y . -2.29 7.78 16.70
C11 OLA Y . -3.75 7.61 17.08
C12 OLA Y . -4.00 8.04 18.53
C13 OLA Y . -4.99 9.20 18.62
C14 OLA Y . -4.62 10.18 19.73
C15 OLA Y . -5.83 10.90 20.35
C16 OLA Y . -6.16 12.20 19.61
C17 OLA Y . -4.90 12.86 19.07
C18 OLA Y . -5.30 14.04 18.21
C1 OLA Z . 3.09 33.84 15.60
O1 OLA Z . 2.66 32.68 15.41
O2 OLA Z . 2.49 34.55 16.45
C2 OLA Z . 4.27 34.39 14.81
C3 OLA Z . 4.89 33.30 13.95
C4 OLA Z . 5.93 33.83 12.96
C5 OLA Z . 6.26 32.77 11.90
C6 OLA Z . 7.21 31.67 12.38
C7 OLA Z . 8.57 31.83 11.72
C8 OLA Z . 9.34 30.52 11.51
C9 OLA Z . 10.47 30.47 12.51
C10 OLA Z . 11.80 30.00 12.12
C11 OLA Z . 11.99 29.06 10.95
C12 OLA Z . 13.47 28.66 10.83
C13 OLA Z . 13.65 27.32 10.10
C14 OLA Z . 14.10 27.50 8.65
C1 OLA AA . -4.40 6.50 -22.78
O1 OLA AA . -4.32 5.28 -23.05
O2 OLA AA . -4.07 7.33 -23.67
C2 OLA AA . -4.88 6.99 -21.41
C3 OLA AA . -5.89 8.14 -21.52
C4 OLA AA . -5.78 9.15 -20.37
C5 OLA AA . -7.11 9.28 -19.62
C6 OLA AA . -7.32 8.14 -18.62
C7 OLA AA . -8.25 8.51 -17.46
C8 OLA AA . -8.39 10.01 -17.25
C9 OLA AA . -9.60 10.27 -16.38
C10 OLA AA . -10.57 11.34 -16.72
C11 OLA AA . -10.64 12.63 -15.93
C12 OLA AA . -12.12 12.96 -15.78
C13 OLA AA . -12.33 14.29 -15.05
C14 OLA AA . -13.11 14.08 -13.75
C15 OLA AA . -12.28 14.54 -12.55
C16 OLA AA . -13.17 14.80 -11.33
C17 OLA AA . -12.38 15.26 -10.12
C18 OLA AA . -12.71 16.70 -9.77
C1 OLA BA . -1.12 5.89 -19.16
O1 OLA BA . -2.08 5.26 -18.64
O2 OLA BA . -0.18 5.25 -19.71
C2 OLA BA . -1.09 7.42 -19.13
C3 OLA BA . -1.62 8.11 -20.38
C4 OLA BA . -1.18 9.58 -20.45
C5 OLA BA . -1.82 10.43 -19.35
C6 OLA BA . -0.85 11.47 -18.79
C7 OLA BA . -1.52 12.73 -18.21
C8 OLA BA . -3.04 12.74 -18.42
C9 OLA BA . -3.65 14.05 -17.94
C10 OLA BA . -5.01 14.17 -17.36
C11 OLA BA . -5.83 13.00 -16.86
C12 OLA BA . -6.98 13.48 -15.98
NA NA CA . 1.75 11.18 2.70
#